data_2GHQ
#
_entry.id   2GHQ
#
_cell.length_a   126.067
_cell.length_b   78.813
_cell.length_c   62.992
_cell.angle_alpha   90.00
_cell.angle_beta   112.17
_cell.angle_gamma   90.00
#
_symmetry.space_group_name_H-M   'C 1 2 1'
#
loop_
_entity.id
_entity.type
_entity.pdbx_description
1 polymer 'Carboxy-terminal domain RNA polymerase II polypeptide A small phosphatase 1'
2 polymer 'DNA-directed RNA polymerase II largest subunit'
3 non-polymer 'MAGNESIUM ION'
4 water water
#
loop_
_entity_poly.entity_id
_entity_poly.type
_entity_poly.pdbx_seq_one_letter_code
_entity_poly.pdbx_strand_id
1 'polypeptide(L)'
;HQYLLPEAKAQDSDKICVVINLDETLVHSSFKPVNNADFIIPVEIDGVVHQVYVLKRPHVDEFLQRMGELFECVLFTASL
AKYADPVADLLDKWGAFRARLFRESCVFHRGNYVKDLSRLGRDLRRVLILDNSPASYVFHPDNAVPVASWFDNMSDTELH
DLLPFFEQLSRVDDVYSVLRQ
;
A,B
2 'polypeptide(L)' PSY(SEP)PT(SEP)PS C,D
#
# COMPACT_ATOMS: atom_id res chain seq x y z
N GLN A 2 3.23 26.24 -13.48
CA GLN A 2 1.85 26.09 -12.93
C GLN A 2 1.14 24.81 -13.37
N TYR A 3 -0.17 24.87 -13.53
CA TYR A 3 -0.95 23.71 -13.92
C TYR A 3 -0.96 23.43 -15.41
N LEU A 4 -1.16 22.15 -15.74
CA LEU A 4 -1.19 21.66 -17.11
C LEU A 4 -2.42 22.12 -17.88
N LEU A 5 -3.54 22.26 -17.17
CA LEU A 5 -4.78 22.66 -17.80
C LEU A 5 -5.22 24.04 -17.36
N PRO A 6 -5.90 24.76 -18.26
CA PRO A 6 -6.36 26.09 -17.86
C PRO A 6 -7.66 25.85 -17.10
N GLU A 7 -8.24 26.90 -16.56
CA GLU A 7 -9.51 26.80 -15.84
C GLU A 7 -10.50 26.03 -16.73
N ALA A 8 -11.42 25.28 -16.14
CA ALA A 8 -12.41 24.54 -16.92
C ALA A 8 -13.43 25.50 -17.51
N LYS A 9 -13.84 25.28 -18.75
CA LYS A 9 -14.82 26.14 -19.38
C LYS A 9 -16.11 26.14 -18.58
N ALA A 10 -16.88 27.22 -18.74
CA ALA A 10 -18.14 27.38 -18.05
C ALA A 10 -19.00 26.12 -18.02
N GLN A 11 -19.30 25.55 -19.19
CA GLN A 11 -20.15 24.36 -19.22
C GLN A 11 -19.52 23.09 -18.61
N ASP A 12 -18.21 23.10 -18.41
CA ASP A 12 -17.53 21.96 -17.84
C ASP A 12 -17.22 22.09 -16.35
N SER A 13 -17.17 23.32 -15.85
CA SER A 13 -16.84 23.59 -14.45
C SER A 13 -17.46 22.68 -13.40
N ASP A 14 -18.66 22.18 -13.67
CA ASP A 14 -19.34 21.33 -12.70
C ASP A 14 -19.17 19.83 -12.95
N LYS A 15 -18.47 19.48 -14.02
CA LYS A 15 -18.27 18.08 -14.36
C LYS A 15 -16.99 17.49 -13.79
N ILE A 16 -17.00 16.17 -13.64
CA ILE A 16 -15.83 15.44 -13.18
C ILE A 16 -14.88 15.43 -14.37
N CYS A 17 -13.59 15.60 -14.10
CA CYS A 17 -12.58 15.59 -15.14
C CYS A 17 -12.02 14.19 -15.30
N VAL A 18 -12.04 13.67 -16.52
CA VAL A 18 -11.51 12.33 -16.74
C VAL A 18 -10.35 12.33 -17.74
N VAL A 19 -9.20 11.86 -17.29
CA VAL A 19 -8.02 11.75 -18.14
C VAL A 19 -8.07 10.35 -18.73
N ILE A 20 -7.97 10.29 -20.05
CA ILE A 20 -8.06 9.07 -20.82
C ILE A 20 -6.75 8.81 -21.56
N ASN A 21 -6.21 7.62 -21.33
CA ASN A 21 -4.97 7.19 -21.95
C ASN A 21 -5.26 6.84 -23.42
N LEU A 22 -4.22 6.86 -24.25
CA LEU A 22 -4.38 6.53 -25.67
C LEU A 22 -4.01 5.07 -26.04
N ASP A 23 -2.71 4.80 -26.06
CA ASP A 23 -2.23 3.48 -26.45
C ASP A 23 -2.60 2.34 -25.53
N GLU A 24 -3.12 1.27 -26.14
CA GLU A 24 -3.57 0.07 -25.45
C GLU A 24 -4.84 0.29 -24.64
N THR A 25 -5.32 1.53 -24.64
CA THR A 25 -6.55 1.87 -23.94
C THR A 25 -7.65 2.13 -24.98
N LEU A 26 -7.40 3.05 -25.92
CA LEU A 26 -8.37 3.42 -26.97
C LEU A 26 -8.02 2.84 -28.34
N VAL A 27 -6.72 2.67 -28.58
CA VAL A 27 -6.24 2.16 -29.85
C VAL A 27 -4.97 1.33 -29.62
N HIS A 28 -4.50 0.67 -30.67
CA HIS A 28 -3.23 -0.04 -30.60
C HIS A 28 -2.55 0.21 -31.94
N SER A 29 -1.31 0.70 -31.88
CA SER A 29 -0.57 1.01 -33.09
C SER A 29 0.69 0.18 -33.26
N SER A 30 1.18 0.13 -34.49
CA SER A 30 2.38 -0.62 -34.80
C SER A 30 3.02 -0.08 -36.07
N PHE A 31 4.32 -0.37 -36.25
CA PHE A 31 5.00 0.07 -37.45
C PHE A 31 4.96 -1.07 -38.49
N LYS A 32 4.46 -2.21 -38.06
CA LYS A 32 4.35 -3.38 -38.95
C LYS A 32 3.06 -3.26 -39.72
N PRO A 33 3.13 -3.18 -41.06
CA PRO A 33 1.91 -3.06 -41.86
C PRO A 33 0.85 -4.08 -41.51
N VAL A 34 -0.40 -3.60 -41.43
CA VAL A 34 -1.57 -4.41 -41.12
C VAL A 34 -2.64 -4.00 -42.12
N ASN A 35 -3.28 -4.96 -42.77
CA ASN A 35 -4.32 -4.67 -43.76
C ASN A 35 -5.57 -3.97 -43.26
N ASN A 36 -6.01 -4.30 -42.06
CA ASN A 36 -7.25 -3.73 -41.54
C ASN A 36 -7.05 -2.53 -40.62
N ALA A 37 -5.98 -1.78 -40.82
CA ALA A 37 -5.72 -0.61 -39.98
C ALA A 37 -6.84 0.42 -40.20
N ASP A 38 -7.23 1.06 -39.12
CA ASP A 38 -8.25 2.09 -39.17
C ASP A 38 -7.59 3.37 -39.62
N PHE A 39 -6.39 3.64 -39.10
CA PHE A 39 -5.64 4.84 -39.48
C PHE A 39 -4.21 4.51 -39.80
N ILE A 40 -3.69 5.20 -40.81
CA ILE A 40 -2.29 5.09 -41.17
C ILE A 40 -1.80 6.53 -41.03
N ILE A 41 -0.83 6.74 -40.15
CA ILE A 41 -0.28 8.06 -39.90
C ILE A 41 1.22 8.12 -40.14
N PRO A 42 1.67 9.11 -40.93
CA PRO A 42 3.08 9.29 -41.25
C PRO A 42 3.77 9.98 -40.09
N VAL A 43 4.80 9.37 -39.56
CA VAL A 43 5.54 9.94 -38.45
C VAL A 43 7.00 10.06 -38.85
N GLU A 44 7.49 11.29 -38.84
CA GLU A 44 8.86 11.58 -39.22
C GLU A 44 9.79 11.42 -38.04
N ILE A 45 10.83 10.62 -38.23
CA ILE A 45 11.83 10.36 -37.20
C ILE A 45 13.22 10.43 -37.82
N ASP A 46 14.04 11.36 -37.35
CA ASP A 46 15.39 11.53 -37.89
C ASP A 46 15.33 11.84 -39.38
N GLY A 47 14.30 12.55 -39.82
CA GLY A 47 14.19 12.88 -41.22
C GLY A 47 13.53 11.81 -42.10
N VAL A 48 13.29 10.62 -41.54
CA VAL A 48 12.65 9.53 -42.29
C VAL A 48 11.17 9.43 -41.92
N VAL A 49 10.31 9.37 -42.92
CA VAL A 49 8.88 9.28 -42.65
C VAL A 49 8.50 7.81 -42.51
N HIS A 50 7.98 7.45 -41.33
CA HIS A 50 7.55 6.07 -41.06
C HIS A 50 6.04 6.06 -41.01
N GLN A 51 5.43 4.94 -41.38
CA GLN A 51 3.99 4.80 -41.35
C GLN A 51 3.58 4.02 -40.12
N VAL A 52 2.64 4.58 -39.37
CA VAL A 52 2.15 3.90 -38.17
C VAL A 52 0.74 3.44 -38.46
N TYR A 53 0.48 2.14 -38.25
CA TYR A 53 -0.86 1.60 -38.47
C TYR A 53 -1.60 1.57 -37.16
N VAL A 54 -2.76 2.20 -37.14
CA VAL A 54 -3.55 2.30 -35.95
C VAL A 54 -4.88 1.52 -36.00
N LEU A 55 -5.13 0.71 -34.98
CA LEU A 55 -6.36 -0.06 -34.86
C LEU A 55 -7.19 0.53 -33.73
N LYS A 56 -8.48 0.71 -33.98
CA LYS A 56 -9.37 1.25 -32.95
C LYS A 56 -9.91 0.14 -32.10
N ARG A 57 -10.02 0.37 -30.80
CA ARG A 57 -10.58 -0.63 -29.90
C ARG A 57 -12.10 -0.64 -30.11
N PRO A 58 -12.72 -1.83 -30.09
CA PRO A 58 -14.18 -1.93 -30.29
C PRO A 58 -14.96 -0.98 -29.40
N HIS A 59 -16.04 -0.43 -29.94
CA HIS A 59 -16.91 0.54 -29.28
C HIS A 59 -16.28 1.85 -28.83
N VAL A 60 -15.06 2.13 -29.28
CA VAL A 60 -14.42 3.39 -28.88
C VAL A 60 -15.23 4.64 -29.27
N ASP A 61 -15.86 4.64 -30.46
CA ASP A 61 -16.63 5.80 -30.88
C ASP A 61 -17.81 6.06 -29.95
N GLU A 62 -18.58 5.01 -29.65
CA GLU A 62 -19.71 5.18 -28.74
C GLU A 62 -19.17 5.60 -27.37
N PHE A 63 -18.07 4.99 -26.96
CA PHE A 63 -17.46 5.31 -25.67
C PHE A 63 -17.08 6.78 -25.58
N LEU A 64 -16.31 7.27 -26.56
CA LEU A 64 -15.86 8.67 -26.54
C LEU A 64 -16.98 9.68 -26.63
N GLN A 65 -18.03 9.34 -27.37
CA GLN A 65 -19.15 10.26 -27.53
C GLN A 65 -19.90 10.43 -26.22
N ARG A 66 -20.15 9.31 -25.54
CA ARG A 66 -20.85 9.35 -24.25
C ARG A 66 -20.02 10.08 -23.20
N MET A 67 -18.77 9.66 -23.06
CA MET A 67 -17.86 10.26 -22.07
C MET A 67 -17.74 11.76 -22.31
N GLY A 68 -17.67 12.14 -23.58
CA GLY A 68 -17.55 13.54 -23.94
C GLY A 68 -18.66 14.40 -23.39
N GLU A 69 -19.83 13.81 -23.22
CA GLU A 69 -20.93 14.59 -22.69
C GLU A 69 -21.14 14.38 -21.18
N LEU A 70 -20.52 13.34 -20.61
CA LEU A 70 -20.64 13.11 -19.16
C LEU A 70 -19.53 13.78 -18.35
N PHE A 71 -18.35 13.93 -18.96
CA PHE A 71 -17.23 14.50 -18.25
C PHE A 71 -16.47 15.53 -19.06
N GLU A 72 -15.49 16.13 -18.40
CA GLU A 72 -14.59 17.07 -19.04
C GLU A 72 -13.44 16.10 -19.37
N CYS A 73 -13.41 15.59 -20.60
CA CYS A 73 -12.38 14.63 -20.99
C CYS A 73 -11.09 15.28 -21.41
N VAL A 74 -10.00 14.62 -21.01
CA VAL A 74 -8.67 15.09 -21.31
C VAL A 74 -7.84 13.90 -21.73
N LEU A 75 -7.13 14.05 -22.85
CA LEU A 75 -6.26 13.00 -23.35
C LEU A 75 -4.92 13.22 -22.66
N PHE A 76 -4.41 12.16 -22.03
CA PHE A 76 -3.12 12.23 -21.34
C PHE A 76 -2.41 10.96 -21.76
N THR A 77 -1.31 11.12 -22.48
CA THR A 77 -0.58 9.98 -23.00
C THR A 77 0.93 10.17 -22.79
N ALA A 78 1.65 9.05 -22.72
CA ALA A 78 3.11 9.14 -22.56
C ALA A 78 3.72 9.02 -23.95
N SER A 79 2.89 9.13 -24.99
CA SER A 79 3.39 9.06 -26.37
C SER A 79 3.72 10.46 -26.88
N LEU A 80 4.45 10.56 -27.99
CA LEU A 80 4.81 11.85 -28.55
C LEU A 80 3.66 12.45 -29.36
N ALA A 81 3.56 13.78 -29.31
CA ALA A 81 2.50 14.50 -30.03
C ALA A 81 2.52 14.23 -31.54
N LYS A 82 3.70 14.10 -32.13
CA LYS A 82 3.77 13.85 -33.56
C LYS A 82 3.11 12.53 -33.92
N TYR A 83 2.77 11.76 -32.89
CA TYR A 83 2.08 10.51 -33.13
C TYR A 83 0.66 10.66 -32.67
N ALA A 84 0.52 11.00 -31.39
CA ALA A 84 -0.78 11.10 -30.73
C ALA A 84 -1.73 12.22 -31.17
N ASP A 85 -1.18 13.37 -31.56
CA ASP A 85 -2.03 14.49 -31.99
C ASP A 85 -2.82 14.12 -33.26
N PRO A 86 -2.16 13.54 -34.28
CA PRO A 86 -2.92 13.17 -35.48
C PRO A 86 -3.94 12.08 -35.17
N VAL A 87 -3.59 11.10 -34.34
CA VAL A 87 -4.51 10.00 -34.00
C VAL A 87 -5.75 10.58 -33.34
N ALA A 88 -5.54 11.45 -32.35
CA ALA A 88 -6.66 12.08 -31.65
C ALA A 88 -7.49 12.91 -32.62
N ASP A 89 -6.85 13.58 -33.57
CA ASP A 89 -7.59 14.38 -34.58
C ASP A 89 -8.52 13.45 -35.38
N LEU A 90 -7.98 12.31 -35.82
CA LEU A 90 -8.76 11.35 -36.62
C LEU A 90 -9.76 10.56 -35.79
N LEU A 91 -9.39 10.26 -34.54
CA LEU A 91 -10.23 9.49 -33.64
C LEU A 91 -11.40 10.23 -33.00
N ASP A 92 -11.12 11.39 -32.39
CA ASP A 92 -12.15 12.13 -31.68
C ASP A 92 -13.04 13.02 -32.57
N LYS A 93 -14.02 12.41 -33.21
CA LYS A 93 -14.92 13.12 -34.11
C LYS A 93 -15.86 14.11 -33.42
N TRP A 94 -16.20 13.83 -32.17
CA TRP A 94 -17.14 14.71 -31.45
C TRP A 94 -16.53 15.71 -30.51
N GLY A 95 -15.23 15.95 -30.62
CA GLY A 95 -14.61 16.92 -29.73
C GLY A 95 -14.73 16.58 -28.25
N ALA A 96 -14.68 15.30 -27.91
CA ALA A 96 -14.77 14.87 -26.51
C ALA A 96 -13.57 15.35 -25.70
N PHE A 97 -12.42 15.51 -26.35
CA PHE A 97 -11.21 15.92 -25.64
C PHE A 97 -11.09 17.43 -25.52
N ARG A 98 -11.19 17.94 -24.29
CA ARG A 98 -11.08 19.37 -24.08
C ARG A 98 -9.62 19.80 -24.13
N ALA A 99 -8.72 18.84 -23.87
CA ALA A 99 -7.30 19.12 -23.85
C ALA A 99 -6.56 17.82 -24.12
N ARG A 100 -5.31 17.94 -24.54
CA ARG A 100 -4.46 16.81 -24.86
C ARG A 100 -3.10 17.04 -24.24
N LEU A 101 -2.61 16.06 -23.49
CA LEU A 101 -1.32 16.18 -22.83
C LEU A 101 -0.46 15.00 -23.28
N PHE A 102 0.79 15.29 -23.63
CA PHE A 102 1.68 14.25 -24.12
C PHE A 102 2.86 13.99 -23.20
N ARG A 103 3.81 13.21 -23.70
CA ARG A 103 4.98 12.83 -22.92
C ARG A 103 5.62 13.94 -22.08
N GLU A 104 5.82 15.12 -22.69
CA GLU A 104 6.43 16.26 -21.99
C GLU A 104 5.63 16.63 -20.72
N SER A 105 4.34 16.34 -20.69
CA SER A 105 3.53 16.65 -19.51
C SER A 105 3.58 15.57 -18.44
N CYS A 106 4.15 14.42 -18.77
CA CYS A 106 4.24 13.35 -17.79
C CYS A 106 5.47 13.61 -16.92
N VAL A 107 5.48 13.01 -15.73
CA VAL A 107 6.61 13.15 -14.82
C VAL A 107 7.41 11.86 -14.92
N PHE A 108 8.67 11.98 -15.32
CA PHE A 108 9.52 10.81 -15.43
C PHE A 108 10.03 10.45 -14.04
N HIS A 109 9.52 9.35 -13.52
CA HIS A 109 9.90 8.89 -12.18
C HIS A 109 10.33 7.44 -12.22
N ARG A 110 11.59 7.22 -11.85
CA ARG A 110 12.22 5.90 -11.84
C ARG A 110 11.81 4.97 -12.96
N GLY A 111 12.26 5.32 -14.17
CA GLY A 111 11.99 4.50 -15.34
C GLY A 111 10.58 4.56 -15.92
N ASN A 112 9.66 5.22 -15.23
CA ASN A 112 8.30 5.31 -15.75
C ASN A 112 7.78 6.72 -15.92
N TYR A 113 6.99 6.94 -16.96
CA TYR A 113 6.38 8.24 -17.20
C TYR A 113 5.06 8.21 -16.44
N VAL A 114 4.98 9.01 -15.38
CA VAL A 114 3.78 9.04 -14.57
C VAL A 114 2.85 10.18 -14.95
N LYS A 115 1.55 9.89 -14.95
CA LYS A 115 0.52 10.89 -15.19
C LYS A 115 0.22 11.45 -13.80
N ASP A 116 0.96 12.50 -13.41
CA ASP A 116 0.77 13.13 -12.11
C ASP A 116 -0.48 14.02 -12.11
N LEU A 117 -1.62 13.45 -11.72
CA LEU A 117 -2.89 14.14 -11.69
C LEU A 117 -2.91 15.46 -10.92
N SER A 118 -2.01 15.63 -9.95
CA SER A 118 -2.01 16.85 -9.18
C SER A 118 -1.49 18.03 -9.98
N ARG A 119 -0.86 17.76 -11.11
CA ARG A 119 -0.35 18.86 -11.92
C ARG A 119 -1.45 19.38 -12.86
N LEU A 120 -2.54 18.64 -12.90
CA LEU A 120 -3.70 18.97 -13.74
C LEU A 120 -4.28 20.33 -13.37
N GLY A 121 -4.56 20.52 -12.09
CA GLY A 121 -5.12 21.79 -11.64
C GLY A 121 -6.60 21.64 -11.40
N ARG A 122 -7.03 20.42 -11.09
CA ARG A 122 -8.42 20.14 -10.80
C ARG A 122 -8.50 19.62 -9.38
N ASP A 123 -9.70 19.59 -8.81
CA ASP A 123 -9.90 19.09 -7.47
C ASP A 123 -9.87 17.57 -7.63
N LEU A 124 -8.88 16.92 -7.02
CA LEU A 124 -8.75 15.48 -7.18
C LEU A 124 -9.97 14.70 -6.75
N ARG A 125 -10.82 15.30 -5.92
CA ARG A 125 -12.04 14.61 -5.51
C ARG A 125 -12.93 14.45 -6.74
N ARG A 126 -12.67 15.26 -7.77
CA ARG A 126 -13.44 15.23 -9.01
C ARG A 126 -12.58 14.99 -10.25
N VAL A 127 -11.68 14.01 -10.13
CA VAL A 127 -10.81 13.63 -11.22
C VAL A 127 -10.69 12.12 -11.28
N LEU A 128 -10.68 11.58 -12.49
CA LEU A 128 -10.55 10.14 -12.71
C LEU A 128 -9.54 9.90 -13.83
N ILE A 129 -8.87 8.76 -13.78
CA ILE A 129 -7.94 8.40 -14.84
C ILE A 129 -8.25 7.00 -15.32
N LEU A 130 -8.31 6.85 -16.64
CA LEU A 130 -8.60 5.57 -17.29
C LEU A 130 -7.34 5.24 -18.06
N ASP A 131 -6.54 4.33 -17.52
CA ASP A 131 -5.28 3.95 -18.14
C ASP A 131 -5.07 2.44 -18.04
N ASN A 132 -4.52 1.82 -19.09
CA ASN A 132 -4.27 0.37 -19.09
C ASN A 132 -3.04 -0.05 -18.27
N SER A 133 -2.18 0.91 -17.94
CA SER A 133 -0.97 0.64 -17.19
C SER A 133 -1.00 1.23 -15.78
N PRO A 134 -1.06 0.36 -14.75
CA PRO A 134 -1.11 0.83 -13.37
C PRO A 134 0.06 1.75 -13.01
N ALA A 135 1.20 1.57 -13.65
CA ALA A 135 2.36 2.42 -13.39
C ALA A 135 2.10 3.89 -13.74
N SER A 136 1.12 4.12 -14.60
CA SER A 136 0.79 5.48 -15.04
C SER A 136 0.26 6.35 -13.91
N TYR A 137 -0.50 5.74 -13.00
CA TYR A 137 -1.09 6.49 -11.90
C TYR A 137 -0.60 6.04 -10.52
N VAL A 138 0.70 5.76 -10.41
CA VAL A 138 1.29 5.36 -9.15
C VAL A 138 1.11 6.44 -8.09
N PHE A 139 1.01 7.70 -8.52
CA PHE A 139 0.82 8.80 -7.58
C PHE A 139 -0.62 8.99 -7.12
N HIS A 140 -1.59 8.42 -7.83
CA HIS A 140 -2.99 8.57 -7.47
C HIS A 140 -3.81 7.33 -7.78
N PRO A 141 -3.40 6.18 -7.22
CA PRO A 141 -4.12 4.92 -7.45
C PRO A 141 -5.58 4.95 -7.03
N ASP A 142 -5.95 5.95 -6.24
CA ASP A 142 -7.32 6.08 -5.76
C ASP A 142 -8.24 6.88 -6.68
N ASN A 143 -7.74 7.24 -7.87
CA ASN A 143 -8.53 7.98 -8.84
C ASN A 143 -8.64 7.14 -10.09
N ALA A 144 -8.02 5.97 -10.03
CA ALA A 144 -7.97 5.10 -11.18
C ALA A 144 -9.12 4.16 -11.43
N VAL A 145 -9.55 4.12 -12.68
CA VAL A 145 -10.59 3.22 -13.12
C VAL A 145 -9.80 2.35 -14.09
N PRO A 146 -9.16 1.28 -13.59
CA PRO A 146 -8.37 0.39 -14.42
C PRO A 146 -9.13 -0.23 -15.59
N VAL A 147 -8.41 -0.53 -16.66
CA VAL A 147 -8.99 -1.13 -17.85
C VAL A 147 -7.89 -2.02 -18.45
N ALA A 148 -8.26 -3.16 -19.00
CA ALA A 148 -7.29 -4.06 -19.59
C ALA A 148 -6.63 -3.53 -20.87
N SER A 149 -5.36 -3.90 -21.06
CA SER A 149 -4.61 -3.49 -22.25
C SER A 149 -5.22 -4.17 -23.46
N TRP A 150 -5.40 -3.41 -24.53
CA TRP A 150 -5.97 -3.95 -25.76
C TRP A 150 -4.93 -3.90 -26.86
N PHE A 151 -4.92 -4.93 -27.70
CA PHE A 151 -3.98 -4.97 -28.80
C PHE A 151 -4.66 -5.19 -30.15
N ASP A 152 -5.54 -6.18 -30.23
CA ASP A 152 -6.23 -6.44 -31.49
C ASP A 152 -7.44 -7.36 -31.37
N ASN A 153 -7.81 -7.71 -30.13
CA ASN A 153 -8.96 -8.58 -29.92
C ASN A 153 -10.26 -7.88 -30.29
N MET A 154 -10.73 -8.11 -31.51
CA MET A 154 -11.94 -7.47 -31.98
C MET A 154 -13.20 -7.95 -31.27
N SER A 155 -13.05 -8.82 -30.28
CA SER A 155 -14.20 -9.28 -29.52
C SER A 155 -14.29 -8.53 -28.21
N ASP A 156 -13.32 -7.64 -28.01
CA ASP A 156 -13.27 -6.83 -26.80
C ASP A 156 -14.54 -6.01 -26.65
N THR A 157 -14.97 -5.81 -25.41
CA THR A 157 -16.18 -5.03 -25.15
C THR A 157 -16.04 -4.26 -23.85
N GLU A 158 -14.80 -4.15 -23.36
CA GLU A 158 -14.54 -3.45 -22.13
C GLU A 158 -15.00 -1.99 -22.12
N LEU A 159 -14.75 -1.26 -23.20
CA LEU A 159 -15.15 0.14 -23.24
C LEU A 159 -16.66 0.27 -23.15
N HIS A 160 -17.36 -0.61 -23.84
CA HIS A 160 -18.82 -0.62 -23.85
C HIS A 160 -19.36 -0.90 -22.45
N ASP A 161 -18.79 -1.92 -21.81
CA ASP A 161 -19.26 -2.34 -20.51
C ASP A 161 -18.89 -1.40 -19.38
N LEU A 162 -17.93 -0.51 -19.62
CA LEU A 162 -17.52 0.45 -18.58
C LEU A 162 -18.48 1.63 -18.47
N LEU A 163 -19.15 1.97 -19.57
CA LEU A 163 -20.05 3.10 -19.59
C LEU A 163 -21.03 3.13 -18.41
N PRO A 164 -21.67 2.00 -18.09
CA PRO A 164 -22.61 2.03 -16.96
C PRO A 164 -21.92 2.57 -15.72
N PHE A 165 -20.70 2.08 -15.44
CA PHE A 165 -19.95 2.52 -14.28
C PHE A 165 -19.69 4.03 -14.33
N PHE A 166 -19.19 4.51 -15.47
CA PHE A 166 -18.91 5.94 -15.61
C PHE A 166 -20.17 6.76 -15.49
N GLU A 167 -21.28 6.18 -15.92
CA GLU A 167 -22.56 6.87 -15.84
C GLU A 167 -22.87 7.15 -14.37
N GLN A 168 -22.59 6.17 -13.52
CA GLN A 168 -22.81 6.28 -12.08
C GLN A 168 -21.85 7.27 -11.43
N LEU A 169 -20.58 7.20 -11.80
CA LEU A 169 -19.58 8.09 -11.22
C LEU A 169 -19.81 9.56 -11.55
N SER A 170 -20.32 9.82 -12.76
CA SER A 170 -20.57 11.19 -13.18
C SER A 170 -21.52 11.91 -12.22
N ARG A 171 -22.29 11.12 -11.47
CA ARG A 171 -23.26 11.64 -10.52
C ARG A 171 -22.70 11.98 -9.14
N VAL A 172 -21.79 11.17 -8.62
CA VAL A 172 -21.23 11.41 -7.30
C VAL A 172 -20.47 12.73 -7.26
N ASP A 173 -20.25 13.26 -6.05
CA ASP A 173 -19.53 14.53 -5.91
C ASP A 173 -18.10 14.30 -5.39
N ASP A 174 -17.77 13.05 -5.09
CA ASP A 174 -16.44 12.67 -4.61
C ASP A 174 -16.17 11.24 -5.06
N VAL A 175 -15.30 11.10 -6.08
CA VAL A 175 -14.97 9.78 -6.63
C VAL A 175 -14.37 8.83 -5.60
N TYR A 176 -13.63 9.39 -4.64
CA TYR A 176 -13.02 8.57 -3.60
C TYR A 176 -14.11 7.82 -2.84
N SER A 177 -15.25 8.46 -2.65
CA SER A 177 -16.36 7.86 -1.93
C SER A 177 -16.76 6.51 -2.51
N VAL A 178 -16.53 6.32 -3.80
CA VAL A 178 -16.88 5.08 -4.47
C VAL A 178 -15.65 4.27 -4.88
N LEU A 179 -14.50 4.93 -4.97
CA LEU A 179 -13.27 4.25 -5.36
C LEU A 179 -12.40 3.87 -4.16
N ARG A 180 -12.88 4.15 -2.96
CA ARG A 180 -12.15 3.83 -1.73
C ARG A 180 -10.90 4.70 -1.63
N GLN A 181 -10.79 5.47 -0.55
CA GLN A 181 -9.64 6.35 -0.33
C GLN A 181 -9.58 6.95 1.07
N GLN B 2 14.04 -13.92 42.44
CA GLN B 2 13.87 -12.61 41.74
C GLN B 2 13.06 -12.66 40.44
N TYR B 3 11.75 -12.45 40.52
CA TYR B 3 10.94 -12.48 39.29
C TYR B 3 11.31 -11.37 38.31
N LEU B 4 11.10 -11.63 37.04
CA LEU B 4 11.41 -10.66 36.00
C LEU B 4 10.60 -9.38 36.14
N LEU B 5 9.34 -9.49 36.57
CA LEU B 5 8.49 -8.32 36.71
C LEU B 5 8.21 -7.97 38.16
N PRO B 6 7.95 -6.69 38.43
CA PRO B 6 7.63 -6.17 39.77
C PRO B 6 6.18 -6.58 40.01
N GLU B 7 5.63 -6.24 41.19
CA GLU B 7 4.23 -6.55 41.47
C GLU B 7 3.43 -5.72 40.46
N ALA B 8 2.28 -6.22 40.02
CA ALA B 8 1.47 -5.47 39.06
C ALA B 8 0.85 -4.26 39.75
N LYS B 9 0.88 -3.12 39.09
CA LYS B 9 0.28 -1.91 39.66
C LYS B 9 -1.22 -2.13 39.76
N ALA B 10 -1.86 -1.37 40.63
CA ALA B 10 -3.30 -1.48 40.85
C ALA B 10 -4.13 -1.59 39.57
N GLN B 11 -3.89 -0.70 38.61
CA GLN B 11 -4.63 -0.71 37.35
C GLN B 11 -4.38 -1.90 36.44
N ASP B 12 -3.45 -2.78 36.81
CA ASP B 12 -3.12 -3.93 35.97
C ASP B 12 -3.31 -5.31 36.63
N SER B 13 -3.23 -5.37 37.95
CA SER B 13 -3.28 -6.66 38.64
C SER B 13 -4.47 -7.56 38.35
N ASP B 14 -5.61 -7.01 37.97
CA ASP B 14 -6.75 -7.86 37.71
C ASP B 14 -6.81 -8.31 36.27
N LYS B 15 -5.92 -7.78 35.44
CA LYS B 15 -5.88 -8.10 34.02
C LYS B 15 -4.98 -9.28 33.64
N ILE B 16 -5.26 -9.89 32.50
CA ILE B 16 -4.43 -10.96 31.95
C ILE B 16 -3.15 -10.26 31.50
N CYS B 17 -2.01 -10.91 31.70
CA CYS B 17 -0.74 -10.36 31.29
C CYS B 17 -0.37 -10.93 29.92
N VAL B 18 -0.06 -10.07 28.96
CA VAL B 18 0.33 -10.59 27.66
C VAL B 18 1.76 -10.16 27.35
N VAL B 19 2.57 -11.15 26.98
CA VAL B 19 3.96 -10.94 26.62
C VAL B 19 3.96 -10.79 25.11
N ILE B 20 4.45 -9.65 24.65
CA ILE B 20 4.49 -9.34 23.23
C ILE B 20 5.90 -9.20 22.69
N ASN B 21 6.15 -9.97 21.63
CA ASN B 21 7.43 -9.98 20.95
C ASN B 21 7.56 -8.71 20.07
N LEU B 22 8.80 -8.39 19.68
CA LEU B 22 9.01 -7.21 18.83
C LEU B 22 9.28 -7.46 17.35
N ASP B 23 10.46 -7.99 17.05
CA ASP B 23 10.86 -8.19 15.65
C ASP B 23 10.14 -9.30 14.92
N GLU B 24 9.64 -9.01 13.71
CA GLU B 24 8.90 -9.98 12.91
C GLU B 24 7.49 -10.16 13.45
N THR B 25 7.19 -9.51 14.58
CA THR B 25 5.87 -9.58 15.18
C THR B 25 5.18 -8.22 15.06
N LEU B 26 5.85 -7.15 15.50
CA LEU B 26 5.29 -5.79 15.45
C LEU B 26 5.97 -4.91 14.40
N VAL B 27 7.24 -5.22 14.13
CA VAL B 27 8.04 -4.47 13.17
C VAL B 27 9.07 -5.40 12.57
N HIS B 28 9.78 -4.89 11.58
CA HIS B 28 10.88 -5.61 10.98
C HIS B 28 11.98 -4.56 10.75
N SER B 29 13.16 -4.84 11.29
CA SER B 29 14.29 -3.92 11.19
C SER B 29 15.43 -4.56 10.47
N SER B 30 16.26 -3.73 9.85
CA SER B 30 17.39 -4.24 9.09
C SER B 30 18.48 -3.16 8.99
N PHE B 31 19.72 -3.60 8.78
CA PHE B 31 20.83 -2.67 8.61
C PHE B 31 20.84 -2.28 7.14
N LYS B 32 20.13 -3.04 6.33
CA LYS B 32 20.08 -2.75 4.90
C LYS B 32 19.12 -1.59 4.71
N PRO B 33 19.61 -0.51 4.12
CA PRO B 33 18.81 0.71 3.87
C PRO B 33 17.46 0.44 3.22
N VAL B 34 16.42 1.06 3.80
CA VAL B 34 15.06 0.93 3.32
C VAL B 34 14.52 2.29 2.98
N ASN B 35 13.97 2.45 1.78
CA ASN B 35 13.38 3.69 1.40
C ASN B 35 12.01 3.82 2.07
N ASN B 36 11.65 5.02 2.47
CA ASN B 36 10.37 5.27 3.14
C ASN B 36 10.11 4.42 4.41
N ALA B 37 11.16 4.25 5.20
CA ALA B 37 11.06 3.50 6.45
C ALA B 37 10.16 4.26 7.42
N ASP B 38 9.59 3.56 8.40
CA ASP B 38 8.75 4.24 9.40
C ASP B 38 9.64 5.03 10.34
N PHE B 39 10.78 4.45 10.69
CA PHE B 39 11.78 5.17 11.47
C PHE B 39 13.15 4.51 11.37
N ILE B 40 14.16 5.30 11.72
CA ILE B 40 15.54 4.89 11.65
C ILE B 40 16.18 5.17 12.99
N ILE B 41 16.85 4.18 13.56
CA ILE B 41 17.47 4.41 14.85
C ILE B 41 18.96 4.14 14.75
N PRO B 42 19.78 5.12 15.09
CA PRO B 42 21.23 4.92 15.02
C PRO B 42 21.64 4.00 16.19
N VAL B 43 22.30 2.90 15.88
CA VAL B 43 22.72 1.99 16.94
C VAL B 43 24.24 1.93 16.97
N GLU B 44 24.81 2.22 18.12
CA GLU B 44 26.27 2.18 18.24
C GLU B 44 26.75 0.79 18.61
N ILE B 45 27.69 0.29 17.81
CA ILE B 45 28.23 -1.03 18.05
C ILE B 45 29.75 -0.94 17.82
N ASP B 46 30.53 -1.33 18.82
CA ASP B 46 31.99 -1.27 18.72
C ASP B 46 32.37 0.21 18.45
N GLY B 47 31.64 1.14 19.08
CA GLY B 47 31.92 2.56 18.89
C GLY B 47 31.52 3.12 17.54
N VAL B 48 31.11 2.26 16.62
CA VAL B 48 30.67 2.71 15.30
C VAL B 48 29.15 2.77 15.25
N VAL B 49 28.62 3.92 14.84
CA VAL B 49 27.18 4.10 14.73
C VAL B 49 26.65 3.57 13.40
N HIS B 50 25.65 2.69 13.47
CA HIS B 50 25.03 2.11 12.28
C HIS B 50 23.54 2.47 12.29
N GLN B 51 22.97 2.70 11.12
CA GLN B 51 21.55 3.04 11.03
C GLN B 51 20.71 1.78 10.91
N VAL B 52 19.69 1.65 11.75
CA VAL B 52 18.78 0.49 11.68
C VAL B 52 17.43 0.98 11.13
N TYR B 53 17.05 0.46 9.97
CA TYR B 53 15.83 0.89 9.32
C TYR B 53 14.65 0.02 9.77
N VAL B 54 13.62 0.66 10.30
CA VAL B 54 12.49 -0.05 10.84
C VAL B 54 11.18 0.16 10.10
N LEU B 55 10.51 -0.94 9.76
CA LEU B 55 9.18 -0.90 9.13
C LEU B 55 8.14 -1.44 10.12
N LYS B 56 7.03 -0.72 10.28
CA LYS B 56 5.95 -1.13 11.16
C LYS B 56 4.97 -2.07 10.45
N ARG B 57 4.55 -3.12 11.14
CA ARG B 57 3.60 -4.05 10.54
C ARG B 57 2.28 -3.29 10.45
N PRO B 58 1.49 -3.51 9.39
CA PRO B 58 0.21 -2.81 9.27
C PRO B 58 -0.69 -3.04 10.48
N HIS B 59 -1.47 -2.03 10.84
CA HIS B 59 -2.38 -2.00 11.96
C HIS B 59 -1.75 -2.12 13.34
N VAL B 60 -0.44 -1.96 13.44
CA VAL B 60 0.20 -2.09 14.75
C VAL B 60 -0.24 -1.03 15.73
N ASP B 61 -0.54 0.20 15.26
CA ASP B 61 -0.97 1.22 16.18
C ASP B 61 -2.32 0.91 16.78
N GLU B 62 -3.27 0.51 15.96
CA GLU B 62 -4.59 0.13 16.45
C GLU B 62 -4.44 -1.07 17.37
N PHE B 63 -3.59 -2.00 16.99
CA PHE B 63 -3.40 -3.20 17.79
C PHE B 63 -2.89 -2.87 19.19
N LEU B 64 -1.77 -2.19 19.27
CA LEU B 64 -1.15 -1.86 20.55
C LEU B 64 -2.01 -0.99 21.44
N GLN B 65 -2.75 -0.06 20.84
CA GLN B 65 -3.62 0.82 21.60
C GLN B 65 -4.74 0.01 22.29
N ARG B 66 -5.31 -0.94 21.54
CA ARG B 66 -6.37 -1.74 22.14
C ARG B 66 -5.78 -2.74 23.15
N MET B 67 -4.65 -3.35 22.78
CA MET B 67 -4.02 -4.33 23.69
C MET B 67 -3.65 -3.67 25.02
N GLY B 68 -3.16 -2.44 24.95
CA GLY B 68 -2.77 -1.72 26.17
C GLY B 68 -3.94 -1.56 27.13
N GLU B 69 -5.16 -1.46 26.59
CA GLU B 69 -6.33 -1.33 27.42
C GLU B 69 -6.82 -2.69 27.94
N LEU B 70 -6.75 -3.69 27.05
CA LEU B 70 -7.22 -5.05 27.38
C LEU B 70 -6.36 -5.83 28.37
N PHE B 71 -5.06 -5.63 28.35
CA PHE B 71 -4.15 -6.38 29.20
C PHE B 71 -3.07 -5.57 29.89
N GLU B 72 -2.24 -6.30 30.66
CA GLU B 72 -1.05 -5.71 31.25
C GLU B 72 -0.06 -6.22 30.20
N CYS B 73 0.33 -5.34 29.28
CA CYS B 73 1.26 -5.72 28.24
C CYS B 73 2.74 -5.61 28.61
N VAL B 74 3.50 -6.64 28.28
CA VAL B 74 4.92 -6.64 28.53
C VAL B 74 5.65 -6.93 27.24
N LEU B 75 6.62 -6.08 26.91
CA LEU B 75 7.44 -6.31 25.72
C LEU B 75 8.53 -7.30 26.16
N PHE B 76 8.66 -8.40 25.42
CA PHE B 76 9.66 -9.41 25.78
C PHE B 76 10.31 -9.79 24.45
N THR B 77 11.56 -9.34 24.29
CA THR B 77 12.31 -9.54 23.06
C THR B 77 13.70 -10.15 23.25
N ALA B 78 14.19 -10.80 22.20
CA ALA B 78 15.53 -11.39 22.27
C ALA B 78 16.52 -10.37 21.68
N SER B 79 16.04 -9.16 21.43
CA SER B 79 16.91 -8.12 20.91
C SER B 79 17.67 -7.44 22.05
N LEU B 80 18.50 -6.47 21.73
CA LEU B 80 19.24 -5.75 22.76
C LEU B 80 18.52 -4.44 23.01
N ALA B 81 18.51 -4.00 24.25
CA ALA B 81 17.88 -2.75 24.65
C ALA B 81 18.30 -1.54 23.80
N LYS B 82 19.59 -1.48 23.45
CA LYS B 82 20.12 -0.36 22.68
C LYS B 82 19.34 -0.19 21.38
N TYR B 83 18.71 -1.25 20.92
CA TYR B 83 17.91 -1.19 19.70
C TYR B 83 16.43 -1.12 20.11
N ALA B 84 16.02 -2.08 20.94
CA ALA B 84 14.63 -2.19 21.40
C ALA B 84 14.03 -0.99 22.14
N ASP B 85 14.79 -0.34 23.02
CA ASP B 85 14.21 0.78 23.75
C ASP B 85 13.77 1.93 22.85
N PRO B 86 14.68 2.43 21.99
CA PRO B 86 14.33 3.53 21.08
C PRO B 86 13.12 3.15 20.20
N VAL B 87 13.11 1.93 19.69
CA VAL B 87 11.99 1.50 18.83
C VAL B 87 10.69 1.53 19.64
N ALA B 88 10.71 0.96 20.85
CA ALA B 88 9.52 0.93 21.67
C ALA B 88 9.07 2.35 22.01
N ASP B 89 10.04 3.24 22.23
CA ASP B 89 9.69 4.63 22.57
C ASP B 89 8.93 5.26 21.41
N LEU B 90 9.33 4.94 20.19
CA LEU B 90 8.63 5.49 19.02
C LEU B 90 7.30 4.82 18.74
N LEU B 91 7.25 3.51 18.95
CA LEU B 91 6.05 2.71 18.71
C LEU B 91 4.90 2.94 19.68
N ASP B 92 5.17 2.73 20.95
CA ASP B 92 4.17 2.82 21.99
C ASP B 92 3.73 4.20 22.45
N LYS B 93 2.90 4.83 21.64
CA LYS B 93 2.38 6.16 21.91
C LYS B 93 1.37 6.23 23.04
N TRP B 94 0.91 5.08 23.53
CA TRP B 94 -0.10 5.05 24.57
C TRP B 94 0.33 4.48 25.89
N GLY B 95 1.62 4.14 26.01
CA GLY B 95 2.08 3.56 27.25
C GLY B 95 1.54 2.14 27.43
N ALA B 96 1.32 1.43 26.33
CA ALA B 96 0.82 0.07 26.36
C ALA B 96 1.77 -0.88 27.12
N PHE B 97 3.07 -0.75 26.86
CA PHE B 97 4.05 -1.60 27.51
C PHE B 97 4.27 -1.15 28.95
N ARG B 98 3.93 -2.02 29.87
CA ARG B 98 4.06 -1.71 31.30
C ARG B 98 5.49 -2.06 31.70
N ALA B 99 6.14 -2.93 30.93
CA ALA B 99 7.51 -3.31 31.20
C ALA B 99 8.16 -3.82 29.94
N ARG B 100 9.49 -3.78 29.90
CA ARG B 100 10.25 -4.23 28.74
C ARG B 100 11.35 -5.20 29.21
N LEU B 101 11.43 -6.36 28.57
CA LEU B 101 12.42 -7.39 28.89
C LEU B 101 13.20 -7.70 27.62
N PHE B 102 14.52 -7.75 27.73
CA PHE B 102 15.36 -8.02 26.57
C PHE B 102 16.06 -9.38 26.53
N ARG B 103 17.02 -9.50 25.62
CA ARG B 103 17.75 -10.74 25.43
C ARG B 103 18.24 -11.39 26.73
N GLU B 104 18.84 -10.60 27.61
CA GLU B 104 19.35 -11.11 28.89
C GLU B 104 18.27 -11.75 29.75
N SER B 105 17.01 -11.41 29.51
CA SER B 105 15.95 -12.00 30.32
C SER B 105 15.42 -13.28 29.69
N CYS B 106 15.92 -13.61 28.50
CA CYS B 106 15.53 -14.85 27.82
C CYS B 106 16.49 -15.94 28.28
N VAL B 107 16.10 -17.19 28.08
CA VAL B 107 16.96 -18.33 28.41
C VAL B 107 17.43 -18.91 27.08
N PHE B 108 18.75 -18.99 26.89
CA PHE B 108 19.31 -19.54 25.66
C PHE B 108 19.28 -21.04 25.87
N HIS B 109 18.39 -21.72 25.15
CA HIS B 109 18.23 -23.15 25.31
C HIS B 109 18.29 -23.85 23.97
N ARG B 110 19.29 -24.71 23.81
CA ARG B 110 19.50 -25.47 22.59
C ARG B 110 19.51 -24.60 21.34
N GLY B 111 20.24 -23.48 21.44
CA GLY B 111 20.36 -22.57 20.30
C GLY B 111 19.24 -21.57 20.08
N ASN B 112 18.20 -21.62 20.91
CA ASN B 112 17.08 -20.69 20.78
C ASN B 112 16.88 -19.87 22.05
N TYR B 113 16.41 -18.63 21.89
CA TYR B 113 16.13 -17.75 23.01
C TYR B 113 14.69 -18.00 23.43
N VAL B 114 14.53 -18.56 24.61
CA VAL B 114 13.21 -18.90 25.10
C VAL B 114 12.70 -17.91 26.13
N LYS B 115 11.43 -17.53 26.00
CA LYS B 115 10.82 -16.61 26.95
C LYS B 115 10.21 -17.50 28.02
N ASP B 116 10.91 -17.67 29.12
CA ASP B 116 10.42 -18.53 30.19
C ASP B 116 9.37 -17.80 31.03
N LEU B 117 8.12 -18.04 30.68
CA LEU B 117 7.00 -17.36 31.33
C LEU B 117 6.99 -17.57 32.84
N SER B 118 7.56 -18.68 33.28
CA SER B 118 7.63 -19.00 34.71
C SER B 118 8.44 -18.03 35.57
N ARG B 119 9.35 -17.30 34.96
CA ARG B 119 10.15 -16.36 35.73
C ARG B 119 9.52 -14.95 35.75
N LEU B 120 8.35 -14.84 35.14
CA LEU B 120 7.64 -13.56 35.05
C LEU B 120 7.14 -13.02 36.39
N GLY B 121 6.48 -13.90 37.15
CA GLY B 121 5.92 -13.47 38.43
C GLY B 121 4.42 -13.25 38.28
N ARG B 122 3.82 -13.98 37.35
CA ARG B 122 2.38 -13.87 37.14
C ARG B 122 1.82 -15.28 37.12
N ASP B 123 0.59 -15.43 37.58
CA ASP B 123 -0.09 -16.72 37.58
C ASP B 123 -0.21 -17.15 36.12
N LEU B 124 0.38 -18.29 35.78
CA LEU B 124 0.37 -18.76 34.40
C LEU B 124 -1.00 -18.96 33.77
N ARG B 125 -2.04 -19.04 34.58
CA ARG B 125 -3.40 -19.19 34.05
C ARG B 125 -3.89 -17.83 33.55
N ARG B 126 -3.10 -16.80 33.83
CA ARG B 126 -3.44 -15.44 33.40
C ARG B 126 -2.29 -14.77 32.66
N VAL B 127 -1.59 -15.55 31.85
CA VAL B 127 -0.48 -15.04 31.06
C VAL B 127 -0.64 -15.57 29.64
N LEU B 128 -0.32 -14.73 28.67
CA LEU B 128 -0.34 -15.10 27.26
C LEU B 128 0.96 -14.65 26.62
N ILE B 129 1.37 -15.31 25.53
CA ILE B 129 2.54 -14.89 24.83
C ILE B 129 2.23 -14.82 23.33
N LEU B 130 2.53 -13.67 22.73
CA LEU B 130 2.33 -13.46 21.30
C LEU B 130 3.73 -13.31 20.71
N ASP B 131 4.16 -14.34 19.98
CA ASP B 131 5.48 -14.30 19.36
C ASP B 131 5.41 -14.97 17.99
N ASN B 132 6.31 -14.58 17.10
CA ASN B 132 6.33 -15.18 15.76
C ASN B 132 7.16 -16.45 15.69
N SER B 133 8.01 -16.69 16.68
CA SER B 133 8.85 -17.89 16.70
C SER B 133 8.38 -18.91 17.71
N PRO B 134 7.85 -20.05 17.24
CA PRO B 134 7.37 -21.09 18.15
C PRO B 134 8.44 -21.48 19.17
N ALA B 135 9.71 -21.42 18.76
CA ALA B 135 10.79 -21.78 19.66
C ALA B 135 10.80 -20.92 20.92
N SER B 136 10.28 -19.69 20.79
CA SER B 136 10.24 -18.74 21.90
C SER B 136 9.41 -19.19 23.08
N TYR B 137 8.35 -19.95 22.82
CA TYR B 137 7.50 -20.43 23.91
C TYR B 137 7.48 -21.95 24.07
N VAL B 138 8.60 -22.62 23.77
CA VAL B 138 8.70 -24.08 23.88
C VAL B 138 8.31 -24.63 25.25
N PHE B 139 8.63 -23.89 26.29
CA PHE B 139 8.30 -24.32 27.65
C PHE B 139 6.86 -24.06 28.03
N HIS B 140 6.13 -23.32 27.21
CA HIS B 140 4.76 -22.97 27.55
C HIS B 140 3.87 -22.91 26.30
N PRO B 141 3.85 -23.98 25.50
CA PRO B 141 3.03 -24.01 24.28
C PRO B 141 1.55 -23.68 24.48
N ASP B 142 0.98 -23.93 25.65
CA ASP B 142 -0.43 -23.64 25.85
C ASP B 142 -0.80 -22.24 26.32
N ASN B 143 0.16 -21.33 26.38
CA ASN B 143 -0.11 -19.95 26.78
C ASN B 143 0.13 -19.13 25.52
N ALA B 144 0.38 -19.80 24.42
CA ALA B 144 0.73 -19.11 23.19
C ALA B 144 -0.37 -18.81 22.20
N VAL B 145 -0.21 -17.68 21.54
CA VAL B 145 -1.10 -17.24 20.46
C VAL B 145 -0.10 -17.04 19.31
N PRO B 146 -0.08 -17.96 18.34
CA PRO B 146 0.87 -17.78 17.25
C PRO B 146 0.51 -16.64 16.30
N VAL B 147 1.52 -16.12 15.63
CA VAL B 147 1.34 -15.05 14.67
C VAL B 147 2.43 -15.24 13.61
N ALA B 148 2.11 -15.03 12.34
CA ALA B 148 3.10 -15.20 11.28
C ALA B 148 4.20 -14.15 11.34
N SER B 149 5.40 -14.54 10.95
CA SER B 149 6.53 -13.64 10.92
C SER B 149 6.24 -12.64 9.82
N TRP B 150 6.48 -11.37 10.11
CA TRP B 150 6.24 -10.33 9.15
C TRP B 150 7.55 -9.64 8.77
N PHE B 151 7.74 -9.39 7.47
CA PHE B 151 8.95 -8.72 7.01
C PHE B 151 8.64 -7.41 6.30
N ASP B 152 7.75 -7.44 5.33
CA ASP B 152 7.38 -6.22 4.60
C ASP B 152 6.07 -6.26 3.81
N ASN B 153 5.28 -7.32 3.99
CA ASN B 153 4.01 -7.42 3.27
C ASN B 153 3.02 -6.39 3.79
N MET B 154 2.78 -5.32 3.03
CA MET B 154 1.88 -4.29 3.46
C MET B 154 0.38 -4.66 3.33
N SER B 155 0.09 -5.86 2.87
CA SER B 155 -1.30 -6.32 2.80
C SER B 155 -1.64 -7.09 4.07
N ASP B 156 -0.61 -7.43 4.84
CA ASP B 156 -0.80 -8.17 6.10
C ASP B 156 -1.85 -7.56 7.01
N THR B 157 -2.72 -8.40 7.56
CA THR B 157 -3.77 -7.92 8.46
C THR B 157 -3.86 -8.84 9.69
N GLU B 158 -2.82 -9.61 9.95
CA GLU B 158 -2.86 -10.53 11.07
C GLU B 158 -3.11 -9.85 12.43
N LEU B 159 -2.49 -8.71 12.69
CA LEU B 159 -2.71 -8.06 13.99
C LEU B 159 -4.14 -7.63 14.11
N HIS B 160 -4.67 -7.09 13.01
CA HIS B 160 -6.06 -6.67 12.97
C HIS B 160 -6.96 -7.90 13.19
N ASP B 161 -6.66 -9.00 12.50
CA ASP B 161 -7.49 -10.19 12.61
C ASP B 161 -7.43 -10.85 13.98
N LEU B 162 -6.33 -10.65 14.70
CA LEU B 162 -6.19 -11.23 16.02
C LEU B 162 -6.96 -10.52 17.13
N LEU B 163 -7.27 -9.23 16.95
CA LEU B 163 -7.96 -8.51 18.02
C LEU B 163 -9.23 -9.12 18.62
N PRO B 164 -10.18 -9.58 17.78
CA PRO B 164 -11.38 -10.17 18.39
C PRO B 164 -11.05 -11.36 19.30
N PHE B 165 -10.02 -12.11 18.95
CA PHE B 165 -9.65 -13.23 19.78
C PHE B 165 -9.10 -12.74 21.11
N PHE B 166 -8.20 -11.75 21.06
CA PHE B 166 -7.68 -11.20 22.30
C PHE B 166 -8.77 -10.60 23.13
N GLU B 167 -9.76 -10.06 22.44
CA GLU B 167 -10.92 -9.45 23.11
C GLU B 167 -11.58 -10.52 23.99
N GLN B 168 -11.74 -11.71 23.43
CA GLN B 168 -12.33 -12.79 24.19
C GLN B 168 -11.42 -13.19 25.34
N LEU B 169 -10.14 -13.38 25.05
CA LEU B 169 -9.20 -13.82 26.08
C LEU B 169 -9.03 -12.85 27.23
N SER B 170 -9.15 -11.54 26.97
CA SER B 170 -8.97 -10.54 28.01
C SER B 170 -10.00 -10.67 29.11
N ARG B 171 -11.14 -11.23 28.76
CA ARG B 171 -12.24 -11.39 29.70
C ARG B 171 -12.32 -12.72 30.45
N VAL B 172 -11.57 -13.74 30.06
CA VAL B 172 -11.63 -15.03 30.74
C VAL B 172 -10.85 -15.06 32.06
N ASP B 173 -11.16 -16.03 32.92
CA ASP B 173 -10.44 -16.16 34.20
C ASP B 173 -9.19 -17.03 34.06
N ASP B 174 -9.28 -18.05 33.19
CA ASP B 174 -8.17 -18.97 32.95
C ASP B 174 -8.00 -19.11 31.45
N VAL B 175 -6.85 -18.68 30.93
CA VAL B 175 -6.62 -18.75 29.49
C VAL B 175 -6.56 -20.20 28.99
N TYR B 176 -6.20 -21.12 29.88
CA TYR B 176 -6.12 -22.51 29.47
C TYR B 176 -7.51 -22.99 29.12
N SER B 177 -8.54 -22.40 29.71
CA SER B 177 -9.90 -22.81 29.41
C SER B 177 -10.21 -22.59 27.94
N VAL B 178 -9.39 -21.77 27.29
CA VAL B 178 -9.58 -21.48 25.87
C VAL B 178 -8.47 -22.09 25.02
N LEU B 179 -7.23 -21.93 25.47
CA LEU B 179 -6.09 -22.46 24.72
C LEU B 179 -5.93 -23.94 25.01
N ARG B 180 -6.77 -24.43 25.92
CA ARG B 180 -6.85 -25.82 26.38
C ARG B 180 -5.61 -26.43 27.05
N GLN B 181 -5.74 -26.67 28.36
CA GLN B 181 -4.70 -27.29 29.20
C GLN B 181 -5.14 -27.36 30.67
N PRO C 5 7.91 6.75 -30.48
CA PRO C 5 6.81 7.70 -30.68
C PRO C 5 5.57 7.35 -29.84
N THR C 6 5.33 6.05 -29.65
CA THR C 6 4.20 5.57 -28.88
C THR C 6 4.54 5.56 -27.39
N PRO C 8 5.90 4.44 -24.10
CA PRO C 8 6.93 3.45 -23.79
C PRO C 8 6.36 2.16 -23.22
N PRO D 1 29.70 -5.56 12.26
CA PRO D 1 30.07 -5.14 13.61
C PRO D 1 30.01 -6.29 14.60
N SER D 2 30.30 -6.00 15.84
CA SER D 2 30.33 -7.14 16.54
C SER D 2 28.95 -7.61 16.96
N TYR D 3 27.87 -6.89 16.55
CA TYR D 3 26.88 -7.83 16.91
C TYR D 3 25.44 -7.75 16.66
N PRO D 5 21.96 -5.93 16.84
CA PRO D 5 21.03 -5.77 17.97
C PRO D 5 19.60 -6.36 17.86
N THR D 6 19.22 -6.87 16.69
CA THR D 6 17.87 -7.44 16.54
C THR D 6 17.72 -8.83 17.14
N PRO D 8 17.75 -12.69 17.44
CA PRO D 8 18.50 -13.54 16.52
C PRO D 8 17.35 -14.56 16.22
N SER D 9 16.63 -14.99 17.53
CA SER D 9 15.44 -15.86 18.66
C SER D 9 14.82 -17.17 18.14
#